data_7N5X
#
_entry.id   7N5X
#
_cell.length_a   72.758
_cell.length_b   104.883
_cell.length_c   38.054
_cell.angle_alpha   90.000
_cell.angle_beta   90.000
_cell.angle_gamma   90.000
#
_symmetry.space_group_name_H-M   'P 21 21 2'
#
loop_
_entity.id
_entity.type
_entity.pdbx_description
1 polymer 'Tyrosine-protein kinase BTK'
2 non-polymer IMIDAZOLE
3 non-polymer S-1,2-PROPANEDIOL
4 non-polymer 'DIMETHYL SULFOXIDE'
5 non-polymer 5-(1-ethoxyisoquinolin-3-yl)-2,4-dihydro-3H-1,2,4-triazol-3-one
6 water water
#
_entity_poly.entity_id   1
_entity_poly.type   'polypeptide(L)'
_entity_poly.pdbx_seq_one_letter_code
;GPLPGKNAPSTAGLGYGSWEIDPKDLTFLKELGTGQFGVVKYGKWRGQYDVAIKMIKEGSMSEDEFIEEAKVMMNLSHEK
LVQLYGVCTKQRPIFIITEYMANGCLLNYLREMRHRFQTQQLLEMCKDVCEAMEYLESKQFLHRDLAARNCLVNDQGVVK
VSDFGLSRYVLDDEYTSSVGSKFPVRWSPPEVLMYSKFSSKSDIWAFGVLMWEIYSLGKMPYERFTNSETAEHIAQGLRL
YRPHLASEKVYTIMYSCWHEKADERPTFKILLSNILDVMDEES
;
_entity_poly.pdbx_strand_id   A
#
loop_
_chem_comp.id
_chem_comp.type
_chem_comp.name
_chem_comp.formula
0GW non-polymer 5-(1-ethoxyisoquinolin-3-yl)-2,4-dihydro-3H-1,2,4-triazol-3-one 'C13 H12 N4 O2'
DMS non-polymer 'DIMETHYL SULFOXIDE' 'C2 H6 O S'
IMD non-polymer IMIDAZOLE 'C3 H5 N2 1'
PGO non-polymer S-1,2-PROPANEDIOL 'C3 H8 O2'
#
# COMPACT_ATOMS: atom_id res chain seq x y z
N GLY A 13 -23.60 12.06 16.14
CA GLY A 13 -25.00 12.24 16.68
C GLY A 13 -25.75 10.92 16.87
N LEU A 14 -27.05 11.04 17.11
CA LEU A 14 -27.86 10.03 17.77
C LEU A 14 -27.68 8.61 17.21
N GLY A 15 -27.91 8.43 15.91
CA GLY A 15 -27.90 7.09 15.34
C GLY A 15 -26.55 6.67 14.77
N TYR A 16 -25.43 7.16 15.33
CA TYR A 16 -24.10 6.96 14.73
C TYR A 16 -23.05 6.65 15.80
N GLY A 17 -22.35 5.51 15.65
CA GLY A 17 -21.17 5.21 16.45
C GLY A 17 -19.95 5.97 15.94
N SER A 18 -18.84 5.90 16.69
CA SER A 18 -17.64 6.69 16.43
C SER A 18 -17.01 6.34 15.08
N TRP A 19 -17.36 5.17 14.51
CA TRP A 19 -16.78 4.72 13.26
C TRP A 19 -17.65 5.11 12.06
N GLU A 20 -18.80 5.73 12.34
CA GLU A 20 -19.85 5.95 11.35
C GLU A 20 -19.94 7.42 10.99
N ILE A 21 -19.94 7.73 9.68
CA ILE A 21 -20.09 9.08 9.19
C ILE A 21 -21.49 9.21 8.58
N ASP A 22 -22.11 10.36 8.81
CA ASP A 22 -23.41 10.64 8.24
C ASP A 22 -23.17 11.02 6.78
N PRO A 23 -23.64 10.24 5.79
CA PRO A 23 -23.43 10.57 4.38
C PRO A 23 -24.05 11.93 4.01
N LYS A 24 -24.98 12.41 4.81
CA LYS A 24 -25.59 13.71 4.50
C LYS A 24 -24.60 14.85 4.73
N ASP A 25 -23.53 14.59 5.48
CA ASP A 25 -22.48 15.56 5.71
C ASP A 25 -21.51 15.65 4.52
N LEU A 26 -21.71 14.86 3.47
CA LEU A 26 -20.77 14.84 2.35
C LEU A 26 -21.25 15.73 1.20
N THR A 27 -20.31 16.47 0.61
CA THR A 27 -20.49 17.19 -0.64
C THR A 27 -19.55 16.53 -1.67
N PHE A 28 -20.10 15.98 -2.76
CA PHE A 28 -19.31 15.36 -3.83
C PHE A 28 -18.88 16.40 -4.87
N LEU A 29 -17.58 16.43 -5.20
CA LEU A 29 -17.02 17.52 -6.00
C LEU A 29 -16.40 17.03 -7.32
N LYS A 30 -15.78 15.84 -7.36
CA LYS A 30 -15.09 15.40 -8.55
C LYS A 30 -14.92 13.89 -8.51
N GLU A 31 -15.04 13.23 -9.67
CA GLU A 31 -14.76 11.82 -9.76
C GLU A 31 -13.26 11.65 -9.92
N LEU A 32 -12.66 10.76 -9.12
CA LEU A 32 -11.21 10.62 -9.09
C LEU A 32 -10.76 9.44 -9.94
N GLY A 33 -11.57 8.38 -9.96
CA GLY A 33 -11.23 7.17 -10.69
C GLY A 33 -12.01 5.98 -10.17
N THR A 34 -11.60 4.79 -10.62
CA THR A 34 -12.24 3.54 -10.25
C THR A 34 -11.16 2.59 -9.76
N GLY A 35 -11.50 1.81 -8.73
CA GLY A 35 -10.58 0.84 -8.18
C GLY A 35 -11.24 -0.52 -8.01
N GLN A 36 -10.55 -1.35 -7.22
CA GLN A 36 -11.00 -2.66 -6.80
C GLN A 36 -12.50 -2.65 -6.56
N PHE A 37 -12.96 -1.75 -5.68
CA PHE A 37 -14.32 -1.81 -5.16
C PHE A 37 -15.25 -0.84 -5.90
N GLY A 38 -14.72 -0.10 -6.88
CA GLY A 38 -15.55 0.77 -7.70
C GLY A 38 -15.08 2.23 -7.62
N VAL A 39 -16.03 3.17 -7.72
CA VAL A 39 -15.69 4.56 -7.97
C VAL A 39 -15.14 5.18 -6.69
N VAL A 40 -14.21 6.12 -6.87
CA VAL A 40 -13.72 6.94 -5.79
C VAL A 40 -13.96 8.40 -6.18
N LYS A 41 -14.42 9.22 -5.22
CA LYS A 41 -14.64 10.63 -5.49
C LYS A 41 -13.95 11.52 -4.46
N TYR A 42 -13.69 12.76 -4.87
CA TYR A 42 -13.23 13.81 -3.98
C TYR A 42 -14.45 14.59 -3.52
N GLY A 43 -14.47 14.90 -2.24
CA GLY A 43 -15.51 15.76 -1.71
C GLY A 43 -15.10 16.45 -0.42
N LYS A 44 -16.10 17.08 0.22
CA LYS A 44 -15.91 17.79 1.47
C LYS A 44 -16.84 17.18 2.50
N TRP A 45 -16.38 17.19 3.76
CA TRP A 45 -17.16 16.80 4.92
C TRP A 45 -17.51 18.08 5.69
N ARG A 46 -18.81 18.26 5.94
CA ARG A 46 -19.33 19.43 6.63
C ARG A 46 -18.78 20.70 6.00
N GLY A 47 -18.80 20.74 4.66
CA GLY A 47 -18.55 21.93 3.89
C GLY A 47 -17.08 22.33 3.78
N GLN A 48 -16.21 21.70 4.55
CA GLN A 48 -14.92 22.33 4.81
C GLN A 48 -13.75 21.37 4.59
N TYR A 49 -13.89 20.12 5.02
CA TYR A 49 -12.76 19.21 5.18
C TYR A 49 -12.68 18.26 4.01
N ASP A 50 -11.55 18.30 3.28
CA ASP A 50 -11.33 17.45 2.12
C ASP A 50 -11.34 15.98 2.52
N VAL A 51 -12.05 15.16 1.72
CA VAL A 51 -12.08 13.72 1.90
C VAL A 51 -12.07 13.02 0.55
N ALA A 52 -11.60 11.77 0.57
CA ALA A 52 -11.89 10.82 -0.48
C ALA A 52 -13.03 9.91 -0.06
N ILE A 53 -13.92 9.60 -1.02
CA ILE A 53 -15.12 8.81 -0.77
C ILE A 53 -15.10 7.60 -1.71
N LYS A 54 -14.93 6.40 -1.13
CA LYS A 54 -14.96 5.17 -1.92
C LYS A 54 -16.34 4.52 -1.85
N MET A 55 -16.94 4.33 -3.02
CA MET A 55 -18.26 3.73 -3.12
C MET A 55 -18.10 2.23 -3.37
N ILE A 56 -18.46 1.41 -2.37
CA ILE A 56 -18.13 0.00 -2.38
C ILE A 56 -19.19 -0.79 -3.14
N LYS A 57 -18.78 -1.35 -4.28
CA LYS A 57 -19.66 -2.07 -5.18
C LYS A 57 -20.25 -3.28 -4.47
N GLU A 58 -21.57 -3.42 -4.57
CA GLU A 58 -22.30 -4.55 -4.03
C GLU A 58 -21.61 -5.86 -4.41
N GLY A 59 -21.36 -6.72 -3.42
CA GLY A 59 -20.82 -8.04 -3.65
C GLY A 59 -19.29 -8.10 -3.70
N SER A 60 -18.60 -6.95 -3.65
CA SER A 60 -17.15 -6.91 -3.75
C SER A 60 -16.45 -7.16 -2.40
N MET A 61 -17.14 -6.87 -1.28
CA MET A 61 -16.47 -6.82 0.02
C MET A 61 -17.28 -7.59 1.07
N SER A 62 -16.58 -8.27 1.98
CA SER A 62 -17.16 -8.82 3.21
C SER A 62 -17.43 -7.69 4.19
N GLU A 63 -18.64 -7.08 4.10
CA GLU A 63 -18.86 -5.75 4.64
C GLU A 63 -18.95 -5.77 6.16
N ASP A 64 -19.62 -6.78 6.73
CA ASP A 64 -19.77 -6.82 8.18
C ASP A 64 -18.39 -7.01 8.83
N GLU A 65 -17.57 -7.89 8.24
CA GLU A 65 -16.24 -8.10 8.77
C GLU A 65 -15.42 -6.83 8.62
N PHE A 66 -15.55 -6.15 7.46
CA PHE A 66 -14.79 -4.94 7.24
C PHE A 66 -15.16 -3.88 8.28
N ILE A 67 -16.46 -3.74 8.54
CA ILE A 67 -16.94 -2.72 9.47
C ILE A 67 -16.38 -2.96 10.87
N GLU A 68 -16.33 -4.23 11.32
CA GLU A 68 -15.75 -4.52 12.63
C GLU A 68 -14.28 -4.12 12.65
N GLU A 69 -13.57 -4.40 11.55
CA GLU A 69 -12.15 -4.09 11.48
C GLU A 69 -11.95 -2.58 11.35
N ALA A 70 -12.90 -1.88 10.74
CA ALA A 70 -12.77 -0.43 10.59
C ALA A 70 -12.59 0.22 11.96
N LYS A 71 -13.17 -0.38 13.00
CA LYS A 71 -13.04 0.13 14.36
C LYS A 71 -11.58 0.13 14.80
N VAL A 72 -10.85 -0.90 14.43
CA VAL A 72 -9.43 -1.03 14.71
C VAL A 72 -8.63 -0.08 13.84
N MET A 73 -8.97 -0.01 12.54
CA MET A 73 -8.21 0.81 11.61
C MET A 73 -8.28 2.30 11.96
N MET A 74 -9.41 2.74 12.53
CA MET A 74 -9.60 4.14 12.91
C MET A 74 -8.53 4.55 13.91
N ASN A 75 -8.11 3.61 14.76
CA ASN A 75 -7.13 3.93 15.79
C ASN A 75 -5.70 3.81 15.27
N LEU A 76 -5.50 3.41 14.01
CA LEU A 76 -4.17 3.45 13.42
C LEU A 76 -3.91 4.84 12.87
N SER A 77 -3.08 5.61 13.58
CA SER A 77 -2.86 6.99 13.22
C SER A 77 -1.36 7.21 13.24
N HIS A 78 -0.88 7.49 12.06
CA HIS A 78 0.51 7.83 11.83
C HIS A 78 0.50 8.77 10.64
N GLU A 79 1.42 9.73 10.63
CA GLU A 79 1.39 10.75 9.59
C GLU A 79 1.69 10.19 8.20
N LYS A 80 2.28 8.97 8.09
CA LYS A 80 2.58 8.39 6.80
C LYS A 80 1.60 7.26 6.46
N LEU A 81 0.49 7.16 7.19
CA LEU A 81 -0.59 6.23 6.89
C LEU A 81 -1.80 7.05 6.44
N VAL A 82 -2.42 6.66 5.33
CA VAL A 82 -3.61 7.34 4.89
C VAL A 82 -4.71 7.07 5.93
N GLN A 83 -5.26 8.14 6.54
CA GLN A 83 -6.17 8.01 7.65
C GLN A 83 -7.55 7.56 7.16
N LEU A 84 -8.13 6.59 7.87
CA LEU A 84 -9.54 6.24 7.71
C LEU A 84 -10.36 7.14 8.65
N TYR A 85 -11.29 7.92 8.08
CA TYR A 85 -12.13 8.80 8.85
C TYR A 85 -13.40 8.11 9.34
N GLY A 86 -13.89 7.12 8.60
CA GLY A 86 -15.10 6.41 8.98
C GLY A 86 -15.77 5.78 7.76
N VAL A 87 -16.93 5.17 8.02
CA VAL A 87 -17.66 4.41 7.03
C VAL A 87 -19.13 4.87 7.05
N CYS A 88 -19.76 4.90 5.88
CA CYS A 88 -21.19 5.17 5.80
C CYS A 88 -21.87 3.82 5.59
N THR A 89 -22.52 3.35 6.65
CA THR A 89 -22.92 1.95 6.80
C THR A 89 -24.41 1.70 6.55
N LYS A 90 -25.26 2.72 6.51
CA LYS A 90 -26.67 2.39 6.71
C LYS A 90 -27.35 2.09 5.37
N GLN A 91 -26.61 1.59 4.36
CA GLN A 91 -26.98 1.92 2.99
C GLN A 91 -26.34 1.01 1.95
N ARG A 92 -26.82 1.17 0.70
CA ARG A 92 -26.31 0.45 -0.44
C ARG A 92 -26.01 1.44 -1.55
N PRO A 93 -24.74 1.60 -1.98
CA PRO A 93 -23.61 0.90 -1.37
C PRO A 93 -23.07 1.63 -0.15
N ILE A 94 -22.22 0.97 0.64
CA ILE A 94 -21.54 1.65 1.76
C ILE A 94 -20.44 2.52 1.22
N PHE A 95 -20.02 3.53 2.01
CA PHE A 95 -18.91 4.37 1.62
C PHE A 95 -17.79 4.24 2.65
N ILE A 96 -16.54 4.32 2.18
CA ILE A 96 -15.37 4.42 3.05
C ILE A 96 -14.78 5.81 2.86
N ILE A 97 -14.58 6.54 3.95
CA ILE A 97 -14.16 7.93 3.93
C ILE A 97 -12.72 8.00 4.45
N THR A 98 -11.83 8.52 3.59
CA THR A 98 -10.42 8.58 3.93
C THR A 98 -9.79 9.94 3.62
N GLU A 99 -8.57 10.11 4.15
CA GLU A 99 -7.72 11.24 3.86
C GLU A 99 -7.50 11.39 2.37
N TYR A 100 -7.77 12.61 1.86
CA TYR A 100 -7.63 12.90 0.45
C TYR A 100 -6.16 13.10 0.12
N MET A 101 -5.71 12.47 -0.97
CA MET A 101 -4.32 12.55 -1.39
C MET A 101 -4.25 13.06 -2.83
N ALA A 102 -4.00 14.37 -2.98
CA ALA A 102 -4.32 15.04 -4.23
C ALA A 102 -3.54 14.53 -5.44
N ASN A 103 -2.35 13.95 -5.24
CA ASN A 103 -1.53 13.54 -6.36
C ASN A 103 -1.71 12.06 -6.74
N GLY A 104 -2.62 11.36 -6.08
CA GLY A 104 -3.08 10.05 -6.50
C GLY A 104 -2.07 8.95 -6.20
N CYS A 105 -2.19 7.86 -6.95
CA CYS A 105 -1.42 6.68 -6.57
CA CYS A 105 -1.46 6.64 -6.72
C CYS A 105 0.05 6.84 -6.97
N LEU A 106 0.89 6.27 -6.11
CA LEU A 106 2.35 6.35 -6.26
C LEU A 106 2.81 5.74 -7.59
N LEU A 107 2.15 4.68 -8.05
CA LEU A 107 2.61 4.01 -9.26
C LEU A 107 2.52 4.97 -10.45
N ASN A 108 1.35 5.60 -10.63
CA ASN A 108 1.18 6.56 -11.71
C ASN A 108 2.11 7.76 -11.53
N TYR A 109 2.33 8.21 -10.28
CA TYR A 109 3.22 9.34 -10.05
C TYR A 109 4.65 9.01 -10.51
N LEU A 110 5.13 7.83 -10.16
CA LEU A 110 6.46 7.40 -10.56
C LEU A 110 6.63 7.35 -12.08
N ARG A 111 5.55 6.95 -12.78
CA ARG A 111 5.60 6.73 -14.22
C ARG A 111 5.57 8.04 -15.00
N GLU A 112 5.17 9.14 -14.37
CA GLU A 112 5.18 10.42 -15.05
C GLU A 112 6.61 10.98 -15.14
N MET A 113 7.19 10.98 -16.33
CA MET A 113 8.60 11.30 -16.47
C MET A 113 8.84 12.80 -16.34
N ARG A 114 7.80 13.64 -16.43
CA ARG A 114 7.98 15.08 -16.25
C ARG A 114 8.56 15.44 -14.89
N HIS A 115 8.32 14.62 -13.86
CA HIS A 115 8.74 14.98 -12.52
C HIS A 115 10.26 15.05 -12.44
N ARG A 116 10.95 14.28 -13.27
CA ARG A 116 12.40 14.32 -13.34
C ARG A 116 13.01 14.15 -11.93
N PHE A 117 12.66 13.05 -11.26
CA PHE A 117 13.02 12.86 -9.86
C PHE A 117 14.53 12.80 -9.67
N GLN A 118 15.00 13.43 -8.59
CA GLN A 118 16.32 13.16 -8.05
C GLN A 118 16.27 11.92 -7.17
N THR A 119 17.40 11.21 -7.08
CA THR A 119 17.42 10.01 -6.24
C THR A 119 17.17 10.35 -4.77
N GLN A 120 17.48 11.57 -4.30
CA GLN A 120 17.16 11.90 -2.92
C GLN A 120 15.64 11.92 -2.73
N GLN A 121 14.88 12.32 -3.75
CA GLN A 121 13.43 12.27 -3.66
C GLN A 121 12.96 10.82 -3.59
N LEU A 122 13.54 9.94 -4.39
CA LEU A 122 13.15 8.54 -4.40
C LEU A 122 13.42 7.91 -3.03
N LEU A 123 14.56 8.24 -2.39
CA LEU A 123 14.86 7.66 -1.08
C LEU A 123 13.87 8.17 -0.02
N GLU A 124 13.47 9.43 -0.13
CA GLU A 124 12.47 10.03 0.76
C GLU A 124 11.15 9.28 0.66
N MET A 125 10.75 8.88 -0.55
CA MET A 125 9.55 8.08 -0.75
C MET A 125 9.68 6.75 -0.01
N CYS A 126 10.84 6.08 -0.15
CA CYS A 126 11.08 4.84 0.58
C CYS A 126 11.01 5.04 2.10
N LYS A 127 11.58 6.13 2.58
CA LYS A 127 11.57 6.43 4.02
C LYS A 127 10.15 6.66 4.53
N ASP A 128 9.33 7.40 3.76
CA ASP A 128 7.93 7.64 4.11
C ASP A 128 7.21 6.30 4.32
N VAL A 129 7.28 5.41 3.32
CA VAL A 129 6.65 4.10 3.42
C VAL A 129 7.21 3.31 4.61
N CYS A 130 8.54 3.33 4.78
CA CYS A 130 9.16 2.56 5.84
C CYS A 130 8.69 3.02 7.22
N GLU A 131 8.50 4.33 7.41
CA GLU A 131 8.01 4.84 8.68
C GLU A 131 6.60 4.32 8.97
N ALA A 132 5.75 4.31 7.92
CA ALA A 132 4.40 3.82 8.05
C ALA A 132 4.43 2.35 8.44
N MET A 133 5.29 1.61 7.77
CA MET A 133 5.36 0.16 8.00
C MET A 133 5.98 -0.19 9.36
N GLU A 134 6.93 0.62 9.84
CA GLU A 134 7.47 0.40 11.16
C GLU A 134 6.38 0.64 12.21
N TYR A 135 5.50 1.60 11.97
CA TYR A 135 4.39 1.84 12.87
C TYR A 135 3.43 0.65 12.84
N LEU A 136 3.03 0.20 11.65
CA LEU A 136 2.15 -0.96 11.55
C LEU A 136 2.79 -2.18 12.24
N GLU A 137 4.08 -2.42 12.02
CA GLU A 137 4.74 -3.55 12.66
C GLU A 137 4.70 -3.42 14.19
N SER A 138 4.80 -2.20 14.70
CA SER A 138 4.80 -1.98 16.16
C SER A 138 3.42 -2.31 16.74
N LYS A 139 2.38 -2.22 15.90
CA LYS A 139 1.02 -2.59 16.27
C LYS A 139 0.69 -4.03 15.89
N GLN A 140 1.66 -4.81 15.41
CA GLN A 140 1.43 -6.18 14.95
C GLN A 140 0.30 -6.24 13.92
N PHE A 141 0.28 -5.26 13.01
CA PHE A 141 -0.71 -5.16 11.97
C PHE A 141 -0.04 -5.37 10.62
N LEU A 142 -0.41 -6.42 9.90
CA LEU A 142 0.20 -6.68 8.60
C LEU A 142 -0.55 -5.88 7.52
N HIS A 143 0.18 -5.39 6.52
CA HIS A 143 -0.47 -4.77 5.38
C HIS A 143 -1.16 -5.83 4.51
N ARG A 144 -0.39 -6.85 4.09
CA ARG A 144 -0.77 -8.02 3.30
C ARG A 144 -0.83 -7.74 1.80
N ASP A 145 -0.70 -6.49 1.34
CA ASP A 145 -0.64 -6.22 -0.10
C ASP A 145 0.13 -4.93 -0.36
N LEU A 146 1.34 -4.81 0.22
CA LEU A 146 2.14 -3.61 0.03
C LEU A 146 2.72 -3.62 -1.39
N ALA A 147 2.53 -2.49 -2.08
CA ALA A 147 2.99 -2.28 -3.44
C ALA A 147 2.82 -0.81 -3.77
N ALA A 148 3.48 -0.31 -4.82
CA ALA A 148 3.33 1.09 -5.17
C ALA A 148 1.89 1.44 -5.48
N ARG A 149 1.12 0.51 -6.06
CA ARG A 149 -0.27 0.78 -6.43
C ARG A 149 -1.14 1.07 -5.20
N ASN A 150 -0.68 0.65 -4.00
CA ASN A 150 -1.40 0.84 -2.75
C ASN A 150 -0.78 1.94 -1.88
N CYS A 151 0.04 2.81 -2.47
CA CYS A 151 0.52 4.01 -1.80
C CYS A 151 -0.03 5.22 -2.56
N LEU A 152 -0.25 6.32 -1.83
CA LEU A 152 -0.79 7.54 -2.39
C LEU A 152 0.17 8.69 -2.12
N VAL A 153 -0.01 9.80 -2.85
CA VAL A 153 0.87 10.95 -2.77
C VAL A 153 0.03 12.20 -2.56
N ASN A 154 0.37 13.02 -1.56
CA ASN A 154 -0.42 14.21 -1.26
C ASN A 154 0.13 15.41 -2.05
N ASP A 155 -0.50 16.58 -1.85
CA ASP A 155 -0.16 17.76 -2.62
C ASP A 155 1.24 18.29 -2.32
N GLN A 156 1.85 17.83 -1.21
CA GLN A 156 3.22 18.22 -0.89
C GLN A 156 4.24 17.17 -1.32
N GLY A 157 3.80 16.10 -2.01
CA GLY A 157 4.71 15.08 -2.47
C GLY A 157 5.07 14.04 -1.42
N VAL A 158 4.35 14.03 -0.29
CA VAL A 158 4.54 13.03 0.75
C VAL A 158 3.81 11.75 0.34
N VAL A 159 4.52 10.61 0.43
CA VAL A 159 3.93 9.31 0.15
C VAL A 159 3.38 8.74 1.43
N LYS A 160 2.17 8.14 1.36
CA LYS A 160 1.56 7.47 2.50
C LYS A 160 1.02 6.12 2.06
N VAL A 161 1.01 5.19 3.01
CA VAL A 161 0.54 3.84 2.75
C VAL A 161 -0.97 3.76 2.93
N SER A 162 -1.62 3.12 1.96
CA SER A 162 -3.08 3.06 1.96
C SER A 162 -3.55 1.59 1.93
N ASP A 163 -4.82 1.39 2.28
CA ASP A 163 -5.53 0.12 2.12
C ASP A 163 -4.91 -1.02 2.92
N PHE A 164 -4.31 -0.68 4.04
CA PHE A 164 -3.62 -1.65 4.88
C PHE A 164 -4.64 -2.65 5.42
N GLY A 165 -4.38 -3.93 5.14
CA GLY A 165 -5.20 -5.01 5.65
C GLY A 165 -6.48 -5.26 4.86
N LEU A 166 -6.80 -4.41 3.86
CA LEU A 166 -8.10 -4.46 3.20
C LEU A 166 -8.27 -5.72 2.36
N SER A 167 -7.16 -6.37 1.94
CA SER A 167 -7.27 -7.57 1.11
C SER A 167 -8.02 -8.69 1.83
N ARG A 168 -8.08 -8.65 3.18
CA ARG A 168 -8.76 -9.68 3.95
C ARG A 168 -10.26 -9.68 3.69
N TYR A 169 -10.80 -8.59 3.11
CA TYR A 169 -12.26 -8.45 2.95
C TYR A 169 -12.70 -8.53 1.49
N VAL A 170 -11.78 -8.86 0.57
CA VAL A 170 -12.10 -8.91 -0.85
C VAL A 170 -12.72 -10.26 -1.16
N LEU A 171 -13.91 -10.26 -1.78
CA LEU A 171 -14.65 -11.48 -2.07
C LEU A 171 -14.27 -12.12 -3.42
N ASP A 172 -13.66 -11.35 -4.32
CA ASP A 172 -13.23 -11.87 -5.61
C ASP A 172 -12.08 -12.87 -5.43
N ASP A 173 -12.37 -14.16 -5.66
CA ASP A 173 -11.42 -15.23 -5.39
C ASP A 173 -10.17 -15.12 -6.28
N GLU A 174 -10.26 -14.46 -7.44
CA GLU A 174 -9.07 -14.30 -8.28
C GLU A 174 -7.99 -13.49 -7.57
N TYR A 175 -8.39 -12.69 -6.55
CA TYR A 175 -7.45 -11.84 -5.83
C TYR A 175 -6.85 -12.53 -4.60
N THR A 176 -7.54 -13.54 -4.05
CA THR A 176 -7.35 -13.94 -2.66
C THR A 176 -6.43 -15.16 -2.53
N SER A 177 -6.24 -15.90 -3.61
CA SER A 177 -5.42 -17.10 -3.61
C SER A 177 -4.37 -17.03 -4.71
N SER A 178 -3.22 -17.67 -4.51
CA SER A 178 -2.17 -17.72 -5.52
C SER A 178 -2.49 -18.83 -6.52
N GLY A 180 -4.92 -17.74 -8.03
CA GLY A 180 -5.80 -16.71 -8.62
C GLY A 180 -5.03 -15.77 -9.54
N SER A 181 -5.75 -15.26 -10.55
CA SER A 181 -5.15 -14.52 -11.65
C SER A 181 -4.84 -13.08 -11.26
N LYS A 182 -5.32 -12.63 -10.10
CA LYS A 182 -5.13 -11.26 -9.64
C LYS A 182 -4.38 -11.24 -8.30
N PHE A 183 -3.75 -12.35 -7.93
CA PHE A 183 -2.95 -12.38 -6.71
C PHE A 183 -1.64 -11.64 -6.93
N PRO A 184 -1.07 -10.96 -5.92
CA PRO A 184 0.18 -10.20 -6.09
C PRO A 184 1.43 -11.06 -6.02
N VAL A 185 1.54 -11.94 -7.01
CA VAL A 185 2.66 -12.85 -7.12
C VAL A 185 3.98 -12.09 -7.07
N ARG A 186 4.08 -10.98 -7.80
CA ARG A 186 5.36 -10.33 -7.99
C ARG A 186 5.83 -9.59 -6.74
N TRP A 187 4.96 -9.50 -5.71
CA TRP A 187 5.32 -8.87 -4.44
C TRP A 187 5.42 -9.90 -3.32
N SER A 188 5.41 -11.20 -3.66
CA SER A 188 5.25 -12.23 -2.66
C SER A 188 6.53 -13.03 -2.45
N PRO A 189 6.91 -13.38 -1.19
CA PRO A 189 8.07 -14.23 -0.97
C PRO A 189 7.79 -15.70 -1.29
N PRO A 190 8.84 -16.54 -1.41
CA PRO A 190 8.62 -17.95 -1.68
C PRO A 190 7.63 -18.65 -0.73
N GLU A 191 7.68 -18.36 0.57
CA GLU A 191 6.85 -19.11 1.52
C GLU A 191 5.38 -18.76 1.34
N VAL A 192 5.08 -17.57 0.78
CA VAL A 192 3.71 -17.20 0.48
C VAL A 192 3.26 -17.98 -0.76
N LEU A 193 4.10 -17.97 -1.79
CA LEU A 193 3.75 -18.65 -3.04
C LEU A 193 3.65 -20.16 -2.86
N MET A 194 4.49 -20.74 -2.01
CA MET A 194 4.54 -22.19 -1.84
C MET A 194 3.49 -22.69 -0.84
N TYR A 195 3.28 -21.96 0.26
CA TYR A 195 2.47 -22.52 1.34
C TYR A 195 1.60 -21.51 2.06
N SER A 196 1.40 -20.30 1.50
CA SER A 196 0.51 -19.27 2.06
C SER A 196 0.93 -18.88 3.48
N LYS A 197 2.24 -18.83 3.72
CA LYS A 197 2.77 -18.38 5.01
C LYS A 197 2.95 -16.86 5.03
N PHE A 198 1.93 -16.14 5.51
CA PHE A 198 2.00 -14.70 5.68
C PHE A 198 2.58 -14.35 7.04
N SER A 199 3.41 -13.32 7.10
CA SER A 199 4.02 -12.87 8.35
C SER A 199 4.50 -11.44 8.17
N SER A 200 5.07 -10.90 9.24
CA SER A 200 5.78 -9.64 9.12
C SER A 200 6.82 -9.69 7.99
N LYS A 201 7.46 -10.86 7.80
CA LYS A 201 8.52 -11.00 6.83
C LYS A 201 8.00 -11.06 5.39
N SER A 202 6.68 -11.27 5.19
CA SER A 202 6.14 -11.18 3.84
C SER A 202 5.87 -9.71 3.47
N ASP A 203 5.53 -8.89 4.48
CA ASP A 203 5.50 -7.45 4.31
C ASP A 203 6.90 -6.92 4.00
N ILE A 204 7.92 -7.42 4.68
CA ILE A 204 9.30 -7.00 4.42
C ILE A 204 9.68 -7.26 2.95
N TRP A 205 9.39 -8.47 2.49
CA TRP A 205 9.68 -8.84 1.10
C TRP A 205 9.05 -7.83 0.14
N ALA A 206 7.76 -7.57 0.37
CA ALA A 206 6.98 -6.69 -0.48
C ALA A 206 7.58 -5.27 -0.46
N PHE A 207 8.03 -4.82 0.71
CA PHE A 207 8.68 -3.52 0.82
C PHE A 207 9.92 -3.45 -0.08
N GLY A 208 10.73 -4.52 -0.10
CA GLY A 208 11.88 -4.55 -1.02
C GLY A 208 11.45 -4.37 -2.47
N VAL A 209 10.39 -5.08 -2.87
CA VAL A 209 9.88 -4.93 -4.23
C VAL A 209 9.38 -3.49 -4.46
N LEU A 210 8.73 -2.88 -3.47
CA LEU A 210 8.28 -1.50 -3.59
C LEU A 210 9.49 -0.58 -3.78
N MET A 211 10.57 -0.75 -3.02
CA MET A 211 11.78 0.06 -3.24
C MET A 211 12.26 -0.10 -4.68
N TRP A 212 12.23 -1.34 -5.19
CA TRP A 212 12.61 -1.60 -6.57
C TRP A 212 11.69 -0.84 -7.55
N GLU A 213 10.38 -0.83 -7.30
CA GLU A 213 9.43 -0.08 -8.11
C GLU A 213 9.78 1.40 -8.14
N ILE A 214 10.09 1.96 -6.95
CA ILE A 214 10.40 3.38 -6.83
C ILE A 214 11.64 3.69 -7.64
N TYR A 215 12.72 2.92 -7.41
CA TYR A 215 13.95 3.21 -8.12
C TYR A 215 13.89 2.87 -9.61
N SER A 216 12.89 2.08 -10.03
CA SER A 216 12.68 1.77 -11.43
C SER A 216 11.66 2.71 -12.07
N LEU A 217 11.25 3.78 -11.39
CA LEU A 217 10.23 4.71 -11.89
C LEU A 217 8.98 3.99 -12.40
N GLY A 218 8.58 2.97 -11.64
CA GLY A 218 7.27 2.36 -11.81
C GLY A 218 7.21 1.23 -12.83
N LYS A 219 8.36 0.69 -13.21
CA LYS A 219 8.39 -0.52 -14.01
C LYS A 219 7.65 -1.63 -13.25
N MET A 220 7.06 -2.56 -13.99
CA MET A 220 6.50 -3.77 -13.42
C MET A 220 7.65 -4.70 -13.00
N PRO A 221 7.67 -5.21 -11.75
CA PRO A 221 8.69 -6.18 -11.36
C PRO A 221 8.60 -7.42 -12.27
N TYR A 222 9.77 -7.94 -12.70
CA TYR A 222 9.87 -9.13 -13.54
C TYR A 222 9.09 -8.92 -14.83
N GLU A 223 9.28 -7.76 -15.47
CA GLU A 223 8.36 -7.28 -16.50
C GLU A 223 8.30 -8.23 -17.69
N ARG A 224 9.35 -9.02 -17.94
CA ARG A 224 9.37 -9.89 -19.11
C ARG A 224 8.81 -11.28 -18.83
N PHE A 225 8.45 -11.55 -17.56
CA PHE A 225 7.93 -12.82 -17.10
C PHE A 225 6.44 -12.76 -16.83
N THR A 226 5.78 -13.91 -17.01
CA THR A 226 4.44 -14.12 -16.48
C THR A 226 4.52 -14.33 -14.96
N ASN A 227 3.37 -14.35 -14.32
CA ASN A 227 3.29 -14.67 -12.90
C ASN A 227 3.83 -16.08 -12.64
N SER A 228 3.49 -17.06 -13.49
CA SER A 228 4.00 -18.42 -13.30
C SER A 228 5.52 -18.48 -13.38
N GLU A 229 6.08 -17.79 -14.37
CA GLU A 229 7.52 -17.72 -14.53
C GLU A 229 8.18 -17.03 -13.33
N THR A 230 7.57 -15.95 -12.84
CA THR A 230 8.08 -15.22 -11.70
C THR A 230 8.19 -16.15 -10.49
N ALA A 231 7.12 -16.90 -10.24
CA ALA A 231 7.05 -17.79 -9.10
C ALA A 231 8.18 -18.82 -9.19
N GLU A 232 8.40 -19.37 -10.38
CA GLU A 232 9.47 -20.34 -10.62
C GLU A 232 10.84 -19.71 -10.36
N HIS A 233 11.03 -18.49 -10.85
CA HIS A 233 12.29 -17.77 -10.76
C HIS A 233 12.63 -17.57 -9.28
N ILE A 234 11.69 -17.06 -8.49
CA ILE A 234 12.03 -16.72 -7.13
C ILE A 234 12.14 -17.98 -6.28
N ALA A 235 11.36 -19.01 -6.59
CA ALA A 235 11.44 -20.25 -5.84
C ALA A 235 12.80 -20.90 -6.02
N GLN A 236 13.41 -20.71 -7.21
CA GLN A 236 14.75 -21.18 -7.55
C GLN A 236 15.87 -20.29 -7.04
N GLY A 237 15.51 -19.21 -6.34
CA GLY A 237 16.46 -18.40 -5.60
C GLY A 237 16.94 -17.17 -6.36
N LEU A 238 16.37 -16.92 -7.55
CA LEU A 238 16.77 -15.77 -8.35
C LEU A 238 15.91 -14.56 -7.97
N ARG A 239 16.40 -13.37 -8.31
CA ARG A 239 15.86 -12.14 -7.75
C ARG A 239 15.78 -11.06 -8.81
N LEU A 240 15.07 -10.00 -8.50
CA LEU A 240 15.24 -8.74 -9.20
C LEU A 240 16.69 -8.29 -9.09
N TYR A 241 17.12 -7.46 -10.04
CA TYR A 241 18.46 -6.90 -9.92
C TYR A 241 18.41 -5.37 -9.87
N ARG A 242 19.59 -4.75 -9.82
CA ARG A 242 19.70 -3.36 -9.37
C ARG A 242 19.12 -2.39 -10.40
N PRO A 243 18.12 -1.56 -10.03
CA PRO A 243 17.70 -0.46 -10.92
C PRO A 243 18.88 0.50 -11.14
N HIS A 244 18.99 1.06 -12.34
CA HIS A 244 20.05 1.98 -12.67
C HIS A 244 20.15 3.14 -11.66
N LEU A 245 19.02 3.64 -11.15
CA LEU A 245 19.04 4.81 -10.28
C LEU A 245 19.40 4.44 -8.86
N ALA A 246 19.46 3.15 -8.50
CA ALA A 246 19.82 2.79 -7.13
C ALA A 246 21.33 2.71 -6.98
N SER A 247 21.85 3.38 -5.94
CA SER A 247 23.24 3.19 -5.55
C SER A 247 23.48 1.79 -4.99
N GLU A 248 24.76 1.42 -4.82
CA GLU A 248 25.12 0.14 -4.24
C GLU A 248 24.49 0.01 -2.85
N LYS A 249 24.50 1.09 -2.06
CA LYS A 249 23.95 1.00 -0.72
C LYS A 249 22.44 0.84 -0.74
N VAL A 250 21.75 1.53 -1.64
CA VAL A 250 20.30 1.40 -1.75
C VAL A 250 19.95 -0.02 -2.19
N TYR A 251 20.72 -0.56 -3.15
CA TYR A 251 20.44 -1.89 -3.66
C TYR A 251 20.61 -2.94 -2.56
N THR A 252 21.61 -2.74 -1.71
CA THR A 252 21.86 -3.62 -0.59
C THR A 252 20.65 -3.66 0.34
N ILE A 253 20.02 -2.51 0.58
CA ILE A 253 18.84 -2.47 1.42
C ILE A 253 17.70 -3.25 0.78
N MET A 254 17.34 -2.97 -0.48
CA MET A 254 16.20 -3.68 -1.05
C MET A 254 16.48 -5.16 -1.13
N TYR A 255 17.73 -5.54 -1.50
CA TYR A 255 18.11 -6.94 -1.64
C TYR A 255 18.01 -7.68 -0.30
N SER A 256 18.27 -7.00 0.82
CA SER A 256 18.21 -7.61 2.13
C SER A 256 16.80 -8.11 2.46
N CYS A 257 15.78 -7.51 1.83
CA CYS A 257 14.40 -7.89 2.05
C CYS A 257 14.04 -9.23 1.40
N TRP A 258 14.96 -9.79 0.58
CA TRP A 258 14.65 -10.94 -0.26
C TRP A 258 15.41 -12.20 0.13
N HIS A 259 15.95 -12.26 1.36
CA HIS A 259 16.56 -13.50 1.82
C HIS A 259 15.57 -14.65 1.69
N GLU A 260 16.04 -15.80 1.18
CA GLU A 260 15.19 -16.97 1.08
C GLU A 260 14.61 -17.33 2.46
N LYS A 261 15.44 -17.30 3.50
CA LYS A 261 14.97 -17.58 4.86
C LYS A 261 14.34 -16.33 5.44
N ALA A 262 13.05 -16.42 5.75
CA ALA A 262 12.30 -15.27 6.22
C ALA A 262 12.92 -14.67 7.49
N ASP A 263 13.48 -15.49 8.40
CA ASP A 263 13.97 -14.92 9.65
C ASP A 263 15.29 -14.18 9.47
N GLU A 264 15.93 -14.27 8.30
CA GLU A 264 17.14 -13.50 8.02
C GLU A 264 16.83 -12.13 7.41
N ARG A 265 15.57 -11.89 7.09
CA ARG A 265 15.17 -10.58 6.59
C ARG A 265 15.13 -9.60 7.75
N PRO A 266 15.41 -8.31 7.49
CA PRO A 266 15.35 -7.30 8.54
C PRO A 266 13.93 -7.02 9.02
N THR A 267 13.85 -6.25 10.11
CA THR A 267 12.62 -5.60 10.54
C THR A 267 12.49 -4.24 9.87
N PHE A 268 11.32 -3.61 9.99
CA PHE A 268 11.14 -2.28 9.46
C PHE A 268 11.94 -1.25 10.27
N LYS A 269 12.14 -1.51 11.55
CA LYS A 269 13.00 -0.63 12.34
C LYS A 269 14.42 -0.62 11.80
N ILE A 270 14.96 -1.79 11.48
CA ILE A 270 16.30 -1.91 10.94
C ILE A 270 16.38 -1.28 9.55
N LEU A 271 15.39 -1.55 8.70
CA LEU A 271 15.35 -0.91 7.38
C LEU A 271 15.34 0.62 7.50
N LEU A 272 14.57 1.16 8.45
CA LEU A 272 14.46 2.61 8.59
C LEU A 272 15.82 3.17 8.95
N SER A 273 16.51 2.52 9.88
CA SER A 273 17.83 2.93 10.29
C SER A 273 18.79 2.90 9.11
N ASN A 274 18.71 1.85 8.29
CA ASN A 274 19.57 1.72 7.11
C ASN A 274 19.28 2.82 6.09
N ILE A 275 18.00 3.15 5.89
CA ILE A 275 17.61 4.21 4.97
C ILE A 275 18.13 5.56 5.45
N LEU A 276 17.99 5.82 6.76
CA LEU A 276 18.48 7.08 7.32
C LEU A 276 20.00 7.18 7.21
N ASP A 277 20.72 6.06 7.37
CA ASP A 277 22.17 6.07 7.20
C ASP A 277 22.51 6.48 5.76
N VAL A 278 21.80 5.93 4.77
CA VAL A 278 22.12 6.24 3.38
C VAL A 278 21.78 7.69 3.09
N MET A 279 20.68 8.21 3.67
CA MET A 279 20.34 9.60 3.46
C MET A 279 21.46 10.50 3.96
N ASP A 280 22.09 10.10 5.08
CA ASP A 280 23.17 10.89 5.65
C ASP A 280 24.43 10.81 4.78
N GLU A 281 24.69 9.62 4.21
CA GLU A 281 25.92 9.36 3.46
C GLU A 281 25.82 9.87 2.03
N GLU A 282 24.60 9.94 1.46
CA GLU A 282 24.40 10.19 0.02
C GLU A 282 23.42 11.36 -0.19
N1 IMD B . 4.53 -7.59 -17.96
C2 IMD B . 3.34 -7.03 -18.21
N3 IMD B . 2.41 -7.74 -17.60
C4 IMD B . 3.00 -8.86 -17.07
C5 IMD B . 4.33 -8.69 -17.18
C1 PGO C . 17.15 -2.89 -15.08
C2 PGO C . 16.46 -3.99 -14.30
C3 PGO C . 15.00 -4.04 -14.63
O1 PGO C . 18.34 -2.47 -14.44
O2 PGO C . 16.69 -3.79 -12.87
S DMS D . -22.96 17.69 -4.75
O DMS D . -22.13 18.94 -4.56
C1 DMS D . -24.63 18.29 -4.78
C2 DMS D . -23.00 16.87 -3.20
S DMS E . -13.22 13.80 9.58
O DMS E . -13.78 14.68 10.65
C1 DMS E . -12.84 14.84 8.20
C2 DMS E . -14.60 12.94 8.87
C4 0GW F . -7.51 8.42 -6.43
C6 0GW F . -7.27 9.25 -4.27
C7 0GW F . -6.74 10.46 -4.71
C8 0GW F . -6.61 10.67 -6.10
C10 0GW F . -5.96 12.03 -7.97
C13 0GW F . -7.00 9.63 -6.99
C1 0GW F . -9.32 5.58 -7.83
C2 0GW F . -8.42 6.20 -6.74
O3 0GW F . -7.92 7.44 -7.28
N5 0GW F . -7.64 8.26 -5.12
C9 0GW F . -6.11 11.87 -6.61
C11 0GW F . -6.33 10.98 -8.85
C12 0GW F . -6.85 9.80 -8.39
C14 0GW F . -7.41 8.97 -2.84
N15 0GW F . -7.16 9.86 -1.90
N16 0GW F . -7.37 9.19 -0.70
C18 0GW F . -7.74 7.90 -0.96
O19 0GW F . -8.01 7.03 -0.15
N20 0GW F . -7.78 7.74 -2.30
#